data_2IRU
#
_entry.id   2IRU
#
_cell.length_a   41.053
_cell.length_b   75.796
_cell.length_c   96.100
_cell.angle_alpha   90.00
_cell.angle_beta   92.68
_cell.angle_gamma   90.00
#
_symmetry.space_group_name_H-M   'P 1 21 1'
#
loop_
_entity.id
_entity.type
_entity.pdbx_description
1 polymer 'Putative DNA ligase-like protein Rv0938/MT0965'
2 water water
#
_entity_poly.entity_id   1
_entity_poly.type   'polypeptide(L)'
_entity_poly.pdbx_seq_one_letter_code
;GSHMGSASEQRVTLTNADKVLYPATGTTKSDIFDYYAGVAEVMLGHIAGRPATRKRWPNGVDQPAFFEKQLALSAPPWLS
RATVAHRSGTTTYPIIDSATGLAWIAQQAALEVHVPQWRFVAEPGSGELNPGPATRLVFDLDPGEGVMMAQLAEVARAVR
DLLADIGLVTFPVTSGSKGLHLYTPLDEPVSSRGATVLAKRVAQRLEQAMPALVTSTMTKSLRAGKVFVDWSQNSGSKTT
IAPYSLRGRTHPTVAAPRTWAELDDPALRQLSYDEVLTRIARDGDLLERLDADAPVADRLTRY
;
_entity_poly.pdbx_strand_id   A,B
#
# COMPACT_ATOMS: atom_id res chain seq x y z
N SER A 6 5.27 -23.46 -19.30
CA SER A 6 4.12 -23.85 -18.43
C SER A 6 3.28 -22.63 -18.03
N ALA A 7 1.98 -22.67 -18.35
CA ALA A 7 1.08 -21.55 -18.02
C ALA A 7 0.79 -21.42 -16.52
N SER A 8 1.04 -22.50 -15.79
CA SER A 8 0.75 -22.53 -14.37
C SER A 8 1.98 -22.22 -13.50
N GLU A 9 3.11 -21.86 -14.13
CA GLU A 9 4.40 -21.71 -13.40
C GLU A 9 4.36 -20.54 -12.44
N GLN A 10 4.66 -20.83 -11.17
CA GLN A 10 4.60 -19.82 -10.11
C GLN A 10 5.96 -19.18 -9.94
N ARG A 11 6.01 -17.86 -10.08
CA ARG A 11 7.27 -17.11 -9.95
C ARG A 11 7.00 -15.78 -9.22
N VAL A 12 7.88 -15.43 -8.29
CA VAL A 12 7.78 -14.13 -7.63
C VAL A 12 9.14 -13.49 -7.66
N THR A 13 9.14 -12.21 -8.02
CA THR A 13 10.37 -11.41 -8.05
C THR A 13 10.39 -10.48 -6.81
N LEU A 14 11.36 -10.66 -5.94
CA LEU A 14 11.50 -9.77 -4.80
C LEU A 14 12.08 -8.43 -5.31
N THR A 15 11.38 -7.36 -5.00
CA THR A 15 11.90 -6.02 -5.24
C THR A 15 12.23 -5.29 -3.95
N ASN A 16 13.13 -4.30 -4.06
CA ASN A 16 13.56 -3.52 -2.92
C ASN A 16 14.01 -4.43 -1.75
N ALA A 17 14.84 -5.42 -2.06
CA ALA A 17 15.38 -6.36 -1.02
C ALA A 17 15.96 -5.69 0.23
N ASP A 18 16.58 -4.51 0.02
CA ASP A 18 17.23 -3.82 1.09
C ASP A 18 16.25 -3.00 1.89
N LYS A 19 14.99 -2.93 1.47
CA LYS A 19 14.05 -2.06 2.20
C LYS A 19 13.85 -2.52 3.67
N VAL A 20 14.10 -1.60 4.62
CA VAL A 20 13.82 -1.94 6.02
C VAL A 20 12.33 -1.84 6.31
N LEU A 21 11.77 -2.95 6.80
CA LEU A 21 10.35 -2.95 7.19
C LEU A 21 10.12 -2.84 8.71
N TYR A 22 11.17 -3.10 9.50
CA TYR A 22 11.13 -2.92 10.96
C TYR A 22 12.30 -2.00 11.40
N PRO A 23 12.08 -0.67 11.47
CA PRO A 23 13.20 0.23 11.76
C PRO A 23 13.91 -0.06 13.09
N ALA A 24 13.18 -0.59 14.08
CA ALA A 24 13.77 -0.83 15.42
C ALA A 24 14.90 -1.86 15.37
N THR A 25 14.78 -2.79 14.42
CA THR A 25 15.67 -3.96 14.34
C THR A 25 16.44 -4.01 12.99
N GLY A 26 16.01 -3.21 12.01
CA GLY A 26 16.63 -3.16 10.68
C GLY A 26 16.24 -4.34 9.79
N THR A 27 15.19 -5.06 10.20
CA THR A 27 14.69 -6.23 9.47
C THR A 27 14.17 -5.81 8.09
N THR A 28 14.68 -6.46 7.05
CA THR A 28 14.47 -6.04 5.65
C THR A 28 13.48 -6.94 4.89
N LYS A 29 13.10 -6.48 3.72
CA LYS A 29 12.28 -7.32 2.84
C LYS A 29 12.99 -8.65 2.57
N SER A 30 14.30 -8.63 2.36
CA SER A 30 15.08 -9.87 2.15
C SER A 30 14.96 -10.82 3.34
N ASP A 31 15.06 -10.26 4.54
CA ASP A 31 14.89 -11.08 5.76
C ASP A 31 13.53 -11.77 5.76
N ILE A 32 12.50 -11.01 5.42
CA ILE A 32 11.13 -11.53 5.43
C ILE A 32 10.90 -12.61 4.35
N PHE A 33 11.46 -12.35 3.17
CA PHE A 33 11.42 -13.30 2.05
C PHE A 33 12.02 -14.63 2.48
N ASP A 34 13.19 -14.56 3.13
CA ASP A 34 13.85 -15.79 3.55
C ASP A 34 13.07 -16.42 4.68
N TYR A 35 12.48 -15.61 5.55
CA TYR A 35 11.71 -16.19 6.64
C TYR A 35 10.51 -17.00 6.15
N TYR A 36 9.74 -16.41 5.25
CA TYR A 36 8.53 -17.10 4.79
C TYR A 36 8.94 -18.35 3.93
N ALA A 37 10.06 -18.27 3.23
CA ALA A 37 10.61 -19.49 2.61
C ALA A 37 10.94 -20.56 3.64
N GLY A 38 11.56 -20.14 4.73
CA GLY A 38 12.04 -21.08 5.76
C GLY A 38 10.89 -21.76 6.50
N VAL A 39 9.80 -21.02 6.66
CA VAL A 39 8.62 -21.56 7.39
C VAL A 39 7.58 -22.20 6.48
N ALA A 40 7.73 -22.09 5.16
CA ALA A 40 6.68 -22.56 4.25
C ALA A 40 6.19 -23.97 4.59
N GLU A 41 7.14 -24.90 4.75
CA GLU A 41 6.77 -26.32 4.90
C GLU A 41 5.86 -26.51 6.08
N VAL A 42 6.21 -25.87 7.22
CA VAL A 42 5.41 -26.04 8.44
C VAL A 42 4.19 -25.12 8.47
N MET A 43 4.27 -23.98 7.80
CA MET A 43 3.18 -23.01 7.80
C MET A 43 2.00 -23.42 6.90
N LEU A 44 2.30 -24.01 5.75
CA LEU A 44 1.28 -24.19 4.71
C LEU A 44 0.08 -25.04 5.16
N GLY A 45 0.33 -26.09 5.96
CA GLY A 45 -0.71 -27.05 6.34
C GLY A 45 -1.81 -26.35 7.14
N HIS A 46 -1.45 -25.27 7.83
CA HIS A 46 -2.41 -24.58 8.71
C HIS A 46 -3.17 -23.41 8.08
N ILE A 47 -2.77 -23.07 6.85
CA ILE A 47 -3.46 -22.08 6.04
C ILE A 47 -4.04 -22.65 4.74
N ALA A 48 -3.65 -23.87 4.39
CA ALA A 48 -4.24 -24.56 3.21
C ALA A 48 -5.77 -24.54 3.27
N GLY A 49 -6.38 -24.30 2.11
CA GLY A 49 -7.84 -24.36 1.99
C GLY A 49 -8.56 -23.18 2.63
N ARG A 50 -7.82 -22.22 3.19
CA ARG A 50 -8.47 -21.10 3.91
C ARG A 50 -8.32 -19.79 3.13
N PRO A 51 -9.35 -18.91 3.18
CA PRO A 51 -9.19 -17.58 2.57
C PRO A 51 -8.16 -16.79 3.38
N ALA A 52 -7.16 -16.25 2.70
CA ALA A 52 -6.07 -15.53 3.37
C ALA A 52 -6.32 -14.03 3.34
N THR A 53 -6.60 -13.47 4.52
CA THR A 53 -6.60 -11.99 4.71
C THR A 53 -5.17 -11.51 4.93
N ARG A 54 -4.75 -10.47 4.21
CA ARG A 54 -3.39 -9.88 4.39
C ARG A 54 -3.47 -8.61 5.21
N LYS A 55 -2.45 -8.33 6.02
CA LYS A 55 -2.28 -6.95 6.47
C LYS A 55 -0.90 -6.52 5.94
N ARG A 56 -0.90 -5.39 5.19
CA ARG A 56 0.28 -4.94 4.50
C ARG A 56 0.83 -3.67 5.07
N TRP A 57 2.15 -3.61 5.17
CA TRP A 57 2.88 -2.39 5.53
C TRP A 57 3.89 -2.04 4.40
N PRO A 58 3.44 -1.40 3.28
CA PRO A 58 4.29 -1.16 2.09
C PRO A 58 5.61 -0.46 2.46
N ASN A 59 5.62 0.40 3.47
CA ASN A 59 6.89 1.05 3.84
C ASN A 59 7.30 0.73 5.30
N GLY A 60 6.79 -0.39 5.82
CA GLY A 60 7.25 -0.90 7.12
C GLY A 60 6.40 -0.41 8.27
N VAL A 61 6.74 -0.86 9.47
CA VAL A 61 5.83 -0.74 10.60
C VAL A 61 5.70 0.68 11.19
N ASP A 62 6.53 1.61 10.73
CA ASP A 62 6.43 3.01 11.16
C ASP A 62 5.65 3.87 10.13
N GLN A 63 5.14 3.18 9.09
CA GLN A 63 4.34 3.83 8.06
C GLN A 63 2.91 3.18 8.03
N PRO A 64 1.93 3.88 7.41
CA PRO A 64 0.54 3.36 7.42
C PRO A 64 0.39 1.94 6.83
N ALA A 65 -0.56 1.18 7.39
CA ALA A 65 -0.86 -0.21 6.99
C ALA A 65 -2.33 -0.35 6.58
N PHE A 66 -2.64 -1.44 5.88
CA PHE A 66 -4.02 -1.72 5.54
C PHE A 66 -4.30 -3.24 5.46
N PHE A 67 -5.49 -3.65 5.90
CA PHE A 67 -5.99 -4.99 5.58
C PHE A 67 -6.41 -5.07 4.12
N GLU A 68 -6.26 -6.26 3.54
CA GLU A 68 -6.72 -6.50 2.19
C GLU A 68 -7.34 -7.89 2.16
N LYS A 69 -8.52 -7.99 1.57
CA LYS A 69 -9.24 -9.27 1.55
C LYS A 69 -9.39 -9.73 0.10
N GLN A 70 -10.18 -8.99 -0.67
CA GLN A 70 -10.29 -9.32 -2.10
C GLN A 70 -8.87 -9.48 -2.74
N LEU A 71 -8.75 -10.43 -3.66
CA LEU A 71 -7.54 -10.65 -4.43
C LEU A 71 -7.56 -9.76 -5.67
N ALA A 72 -6.69 -8.75 -5.69
CA ALA A 72 -6.62 -7.79 -6.80
C ALA A 72 -6.25 -8.47 -8.12
N LEU A 73 -6.79 -7.98 -9.25
CA LEU A 73 -6.42 -8.54 -10.57
C LEU A 73 -4.90 -8.45 -10.84
N SER A 74 -4.23 -7.49 -10.23
CA SER A 74 -2.79 -7.31 -10.41
C SER A 74 -1.97 -8.45 -9.76
N ALA A 75 -2.60 -9.23 -8.88
CA ALA A 75 -1.92 -10.38 -8.20
C ALA A 75 -1.65 -11.48 -9.26
N PRO A 76 -0.67 -12.33 -9.01
CA PRO A 76 -0.35 -13.41 -9.98
C PRO A 76 -1.55 -14.29 -10.32
N PRO A 77 -1.71 -14.63 -11.61
CA PRO A 77 -2.89 -15.43 -12.02
C PRO A 77 -2.87 -16.85 -11.46
N TRP A 78 -1.69 -17.31 -11.07
CA TRP A 78 -1.52 -18.70 -10.61
C TRP A 78 -1.92 -18.92 -9.15
N LEU A 79 -2.17 -17.84 -8.40
CA LEU A 79 -2.66 -18.01 -7.03
C LEU A 79 -4.02 -18.71 -7.03
N SER A 80 -4.17 -19.71 -6.17
CA SER A 80 -5.51 -20.26 -5.91
C SER A 80 -6.39 -19.16 -5.30
N ARG A 81 -7.70 -19.23 -5.57
CA ARG A 81 -8.64 -18.29 -5.01
C ARG A 81 -10.03 -18.90 -4.93
N ALA A 82 -10.84 -18.33 -4.04
CA ALA A 82 -12.20 -18.78 -3.91
C ALA A 82 -13.06 -17.69 -3.29
N THR A 83 -14.39 -17.81 -3.48
CA THR A 83 -15.29 -16.72 -3.19
C THR A 83 -16.15 -17.00 -1.95
N VAL A 84 -16.30 -15.99 -1.10
CA VAL A 84 -17.23 -16.05 0.05
C VAL A 84 -18.35 -15.03 -0.16
N ALA A 85 -19.60 -15.46 0.06
CA ALA A 85 -20.74 -14.56 -0.16
C ALA A 85 -21.24 -14.03 1.17
N HIS A 86 -20.78 -12.84 1.54
CA HIS A 86 -21.14 -12.20 2.81
C HIS A 86 -22.41 -11.34 2.67
N ARG A 87 -22.82 -10.69 3.77
CA ARG A 87 -24.04 -9.88 3.82
C ARG A 87 -24.08 -8.69 2.84
N SER A 88 -22.94 -7.99 2.67
CA SER A 88 -22.91 -6.79 1.82
C SER A 88 -22.28 -7.00 0.43
N GLY A 89 -22.33 -8.24 -0.06
CA GLY A 89 -21.73 -8.58 -1.36
C GLY A 89 -21.06 -9.93 -1.41
N THR A 90 -19.85 -9.95 -1.95
CA THR A 90 -19.13 -11.18 -2.24
C THR A 90 -17.63 -10.85 -2.31
N THR A 91 -16.77 -11.74 -1.80
CA THR A 91 -15.33 -11.43 -1.76
C THR A 91 -14.56 -12.64 -2.25
N THR A 92 -13.64 -12.43 -3.18
CA THR A 92 -12.83 -13.53 -3.67
C THR A 92 -11.44 -13.40 -3.05
N TYR A 93 -11.03 -14.38 -2.26
CA TYR A 93 -9.76 -14.34 -1.54
C TYR A 93 -8.70 -15.22 -2.18
N PRO A 94 -7.38 -14.91 -1.94
CA PRO A 94 -6.34 -15.87 -2.34
C PRO A 94 -6.36 -17.00 -1.32
N ILE A 95 -5.97 -18.19 -1.73
CA ILE A 95 -5.70 -19.30 -0.80
C ILE A 95 -4.20 -19.54 -0.99
N ILE A 96 -3.44 -19.46 0.09
CA ILE A 96 -1.99 -19.63 0.00
C ILE A 96 -1.71 -21.10 0.28
N ASP A 97 -1.16 -21.80 -0.71
CA ASP A 97 -1.05 -23.26 -0.66
C ASP A 97 0.24 -23.77 -1.29
N SER A 98 1.19 -22.84 -1.48
CA SER A 98 2.52 -23.19 -2.01
C SER A 98 3.55 -22.23 -1.43
N ALA A 99 4.79 -22.68 -1.44
CA ALA A 99 5.90 -21.83 -1.00
C ALA A 99 5.96 -20.51 -1.80
N THR A 100 5.72 -20.61 -3.10
CA THR A 100 5.77 -19.42 -3.93
C THR A 100 4.66 -18.41 -3.57
N GLY A 101 3.52 -18.93 -3.08
CA GLY A 101 2.47 -18.07 -2.58
C GLY A 101 2.97 -17.26 -1.39
N LEU A 102 3.71 -17.92 -0.49
CA LEU A 102 4.26 -17.19 0.65
C LEU A 102 5.37 -16.21 0.21
N ALA A 103 6.12 -16.57 -0.83
CA ALA A 103 7.03 -15.59 -1.45
C ALA A 103 6.27 -14.32 -1.91
N TRP A 104 5.08 -14.51 -2.51
CA TRP A 104 4.21 -13.39 -2.92
C TRP A 104 3.77 -12.59 -1.68
N ILE A 105 3.38 -13.28 -0.61
CA ILE A 105 3.03 -12.62 0.65
C ILE A 105 4.20 -11.70 1.11
N ALA A 106 5.42 -12.21 1.06
CA ALA A 106 6.59 -11.44 1.47
C ALA A 106 6.83 -10.26 0.54
N GLN A 107 6.76 -10.51 -0.77
CA GLN A 107 6.97 -9.47 -1.74
C GLN A 107 5.94 -8.29 -1.60
N GLN A 108 4.72 -8.66 -1.21
CA GLN A 108 3.58 -7.75 -0.99
C GLN A 108 3.78 -6.87 0.29
N ALA A 109 4.81 -7.18 1.09
CA ALA A 109 4.94 -6.58 2.45
C ALA A 109 3.69 -6.92 3.30
N ALA A 110 3.07 -8.05 2.97
CA ALA A 110 1.94 -8.57 3.79
C ALA A 110 2.58 -9.27 5.00
N LEU A 111 3.00 -8.47 5.98
CA LEU A 111 3.69 -9.04 7.16
C LEU A 111 2.79 -10.05 7.81
N GLU A 112 1.50 -9.75 7.83
CA GLU A 112 0.51 -10.62 8.51
C GLU A 112 -0.39 -11.39 7.54
N VAL A 113 -0.52 -12.68 7.83
CA VAL A 113 -1.54 -13.54 7.16
C VAL A 113 -2.56 -13.95 8.23
N HIS A 114 -3.85 -13.71 7.95
CA HIS A 114 -4.94 -14.07 8.87
C HIS A 114 -5.86 -15.04 8.16
N VAL A 115 -6.29 -16.08 8.87
CA VAL A 115 -7.21 -17.07 8.26
C VAL A 115 -8.35 -17.44 9.26
N PRO A 116 -9.51 -17.85 8.72
CA PRO A 116 -10.58 -18.36 9.62
C PRO A 116 -10.36 -19.84 9.93
N GLN A 117 -11.27 -20.43 10.73
CA GLN A 117 -11.09 -21.78 11.25
C GLN A 117 -11.80 -22.83 10.39
N TRP A 118 -12.36 -22.36 9.28
CA TRP A 118 -12.97 -23.22 8.27
C TRP A 118 -12.14 -23.27 6.99
N ARG A 119 -12.33 -24.34 6.21
CA ARG A 119 -11.76 -24.44 4.87
C ARG A 119 -12.81 -24.48 3.76
N PHE A 120 -12.45 -23.95 2.61
CA PHE A 120 -13.22 -24.21 1.38
C PHE A 120 -13.31 -25.70 1.07
N VAL A 121 -14.44 -26.11 0.52
CA VAL A 121 -14.62 -27.49 0.12
C VAL A 121 -15.15 -27.51 -1.30
N ALA A 122 -14.60 -28.41 -2.10
CA ALA A 122 -15.02 -28.62 -3.49
C ALA A 122 -16.41 -29.26 -3.54
N GLU A 123 -17.36 -28.54 -4.14
CA GLU A 123 -18.75 -29.01 -4.17
C GLU A 123 -18.84 -30.25 -5.07
N PRO A 124 -19.47 -31.34 -4.57
CA PRO A 124 -19.62 -32.63 -5.25
C PRO A 124 -19.80 -32.53 -6.76
N GLY A 125 -20.78 -31.76 -7.20
CA GLY A 125 -21.12 -31.64 -8.62
C GLY A 125 -20.04 -31.01 -9.48
N SER A 126 -19.83 -29.71 -9.30
CA SER A 126 -19.00 -28.91 -10.20
C SER A 126 -17.53 -28.77 -9.79
N GLY A 127 -17.25 -29.00 -8.51
CA GLY A 127 -15.89 -28.82 -7.99
C GLY A 127 -15.62 -27.39 -7.58
N GLU A 128 -16.66 -26.54 -7.61
CA GLU A 128 -16.56 -25.15 -7.19
C GLU A 128 -16.32 -25.08 -5.68
N LEU A 129 -15.44 -24.17 -5.27
CA LEU A 129 -15.06 -24.03 -3.85
C LEU A 129 -16.06 -23.16 -3.06
N ASN A 130 -16.65 -23.72 -2.02
CA ASN A 130 -17.58 -22.99 -1.14
C ASN A 130 -17.15 -23.15 0.32
N PRO A 131 -17.43 -22.15 1.18
CA PRO A 131 -17.03 -22.34 2.59
C PRO A 131 -17.61 -23.63 3.15
N GLY A 132 -16.80 -24.37 3.89
CA GLY A 132 -17.21 -25.62 4.48
C GLY A 132 -17.20 -25.48 6.01
N PRO A 133 -17.25 -26.60 6.72
CA PRO A 133 -17.30 -26.62 8.18
C PRO A 133 -16.01 -26.10 8.85
N ALA A 134 -16.13 -25.75 10.13
CA ALA A 134 -14.96 -25.48 10.93
C ALA A 134 -14.17 -26.78 11.08
N THR A 135 -12.85 -26.70 10.95
CA THR A 135 -12.00 -27.88 11.12
C THR A 135 -11.34 -27.92 12.50
N ARG A 136 -11.31 -26.77 13.16
CA ARG A 136 -10.65 -26.62 14.48
C ARG A 136 -11.32 -25.48 15.21
N LEU A 137 -11.18 -25.44 16.54
CA LEU A 137 -11.55 -24.27 17.33
C LEU A 137 -10.34 -23.38 17.61
N VAL A 138 -10.58 -22.09 17.76
CA VAL A 138 -9.54 -21.21 18.27
C VAL A 138 -10.10 -20.43 19.46
N PHE A 139 -9.27 -20.30 20.48
CA PHE A 139 -9.55 -19.41 21.61
C PHE A 139 -8.45 -18.35 21.67
N ASP A 140 -8.85 -17.09 21.83
CA ASP A 140 -7.88 -16.01 22.00
C ASP A 140 -7.95 -15.66 23.48
N LEU A 141 -6.85 -15.92 24.20
CA LEU A 141 -6.76 -15.63 25.61
C LEU A 141 -6.07 -14.30 25.77
N ASP A 142 -6.83 -13.28 26.14
CA ASP A 142 -6.30 -11.94 26.21
C ASP A 142 -6.17 -11.49 27.66
N PRO A 143 -4.92 -11.36 28.17
CA PRO A 143 -4.70 -11.03 29.58
C PRO A 143 -5.05 -9.57 29.91
N GLY A 144 -5.95 -9.38 30.87
CA GLY A 144 -6.33 -8.04 31.34
C GLY A 144 -5.26 -7.34 32.16
N GLU A 145 -5.58 -6.12 32.59
CA GLU A 145 -4.65 -5.30 33.37
C GLU A 145 -4.19 -6.05 34.62
N GLY A 146 -2.87 -6.10 34.79
CA GLY A 146 -2.25 -6.76 35.94
C GLY A 146 -2.17 -8.29 35.98
N VAL A 147 -2.59 -8.95 34.90
CA VAL A 147 -2.52 -10.41 34.84
C VAL A 147 -1.10 -10.89 34.48
N MET A 148 -0.53 -11.73 35.34
CA MET A 148 0.83 -12.30 35.16
C MET A 148 0.80 -13.57 34.30
N MET A 149 1.99 -14.00 33.86
CA MET A 149 2.14 -15.24 33.09
C MET A 149 1.52 -16.47 33.74
N ALA A 150 1.86 -16.73 35.00
CA ALA A 150 1.30 -17.90 35.70
C ALA A 150 -0.23 -17.95 35.64
N GLN A 151 -0.89 -16.79 35.73
CA GLN A 151 -2.36 -16.76 35.63
C GLN A 151 -2.83 -17.11 34.20
N LEU A 152 -2.20 -16.50 33.19
CA LEU A 152 -2.54 -16.76 31.79
C LEU A 152 -2.30 -18.23 31.43
N ALA A 153 -1.20 -18.78 31.95
CA ALA A 153 -0.84 -20.18 31.73
C ALA A 153 -1.83 -21.10 32.41
N GLU A 154 -2.18 -20.79 33.66
CA GLU A 154 -3.15 -21.57 34.40
C GLU A 154 -4.48 -21.57 33.66
N VAL A 155 -4.88 -20.39 33.16
CA VAL A 155 -6.13 -20.29 32.40
C VAL A 155 -6.02 -21.14 31.11
N ALA A 156 -4.90 -21.06 30.40
CA ALA A 156 -4.73 -21.93 29.21
C ALA A 156 -4.84 -23.42 29.52
N ARG A 157 -4.19 -23.84 30.60
CA ARG A 157 -4.20 -25.24 31.01
C ARG A 157 -5.62 -25.67 31.39
N ALA A 158 -6.38 -24.73 31.97
CA ALA A 158 -7.78 -24.97 32.30
C ALA A 158 -8.67 -25.15 31.07
N VAL A 159 -8.44 -24.33 30.03
CA VAL A 159 -9.13 -24.53 28.77
C VAL A 159 -8.78 -25.91 28.21
N ARG A 160 -7.47 -26.20 28.18
CA ARG A 160 -6.97 -27.48 27.71
C ARG A 160 -7.66 -28.64 28.45
N ASP A 161 -7.83 -28.49 29.75
CA ASP A 161 -8.38 -29.59 30.56
C ASP A 161 -9.86 -29.82 30.25
N LEU A 162 -10.62 -28.74 30.08
CA LEU A 162 -12.03 -28.84 29.69
C LEU A 162 -12.18 -29.52 28.32
N LEU A 163 -11.32 -29.13 27.38
CA LEU A 163 -11.37 -29.73 26.05
C LEU A 163 -11.00 -31.22 26.11
N ALA A 164 -10.06 -31.56 26.98
CA ALA A 164 -9.57 -32.93 27.12
C ALA A 164 -10.68 -33.88 27.57
N ASP A 165 -11.63 -33.33 28.33
CA ASP A 165 -12.79 -34.08 28.82
C ASP A 165 -13.70 -34.58 27.67
N ILE A 166 -13.69 -33.87 26.54
CA ILE A 166 -14.39 -34.31 25.32
C ILE A 166 -13.42 -34.93 24.31
N GLY A 167 -12.26 -35.39 24.78
CA GLY A 167 -11.32 -36.14 23.95
C GLY A 167 -10.66 -35.31 22.86
N LEU A 168 -10.55 -34.01 23.12
CA LEU A 168 -9.92 -33.07 22.21
C LEU A 168 -8.55 -32.67 22.77
N VAL A 169 -7.65 -32.34 21.86
CA VAL A 169 -6.27 -31.98 22.19
C VAL A 169 -6.08 -30.50 21.84
N THR A 170 -5.33 -29.78 22.66
CA THR A 170 -5.17 -28.34 22.49
C THR A 170 -3.70 -27.95 22.27
N PHE A 171 -3.48 -27.01 21.36
CA PHE A 171 -2.14 -26.55 21.01
C PHE A 171 -2.01 -25.07 21.31
N PRO A 172 -0.97 -24.69 22.07
CA PRO A 172 -0.82 -23.26 22.28
C PRO A 172 0.06 -22.56 21.26
N VAL A 173 -0.28 -21.31 20.99
CA VAL A 173 0.47 -20.50 20.03
C VAL A 173 0.52 -19.08 20.59
N THR A 174 1.71 -18.62 20.99
CA THR A 174 1.81 -17.24 21.49
C THR A 174 1.59 -16.35 20.26
N SER A 175 0.75 -15.34 20.40
CA SER A 175 0.26 -14.58 19.23
C SER A 175 1.29 -13.67 18.59
N GLY A 176 2.42 -13.38 19.26
CA GLY A 176 3.40 -12.39 18.77
C GLY A 176 3.10 -10.98 19.25
N SER A 177 1.88 -10.78 19.76
CA SER A 177 1.45 -9.50 20.31
C SER A 177 1.38 -9.58 21.82
N LYS A 178 0.19 -9.88 22.33
CA LYS A 178 -0.10 -9.96 23.76
C LYS A 178 -0.90 -11.25 24.01
N GLY A 179 -1.74 -11.59 23.04
CA GLY A 179 -2.60 -12.77 23.16
C GLY A 179 -1.82 -14.07 23.28
N LEU A 180 -2.52 -15.06 23.81
CA LEU A 180 -2.13 -16.45 23.66
C LEU A 180 -3.32 -17.09 22.92
N HIS A 181 -3.09 -17.72 21.76
CA HIS A 181 -4.15 -18.44 21.07
C HIS A 181 -4.04 -19.93 21.35
N LEU A 182 -5.18 -20.61 21.46
CA LEU A 182 -5.22 -22.05 21.67
C LEU A 182 -6.03 -22.62 20.51
N TYR A 183 -5.49 -23.62 19.81
CA TYR A 183 -6.19 -24.29 18.73
C TYR A 183 -6.49 -25.75 19.12
N THR A 184 -7.66 -26.22 18.69
CA THR A 184 -8.06 -27.59 18.95
C THR A 184 -8.68 -28.19 17.66
N PRO A 185 -8.08 -29.24 17.12
CA PRO A 185 -8.73 -29.81 15.92
C PRO A 185 -10.00 -30.59 16.31
N LEU A 186 -11.02 -30.48 15.46
CA LEU A 186 -12.30 -31.14 15.68
C LEU A 186 -12.30 -32.58 15.17
N ASP A 187 -12.79 -33.49 16.01
CA ASP A 187 -13.01 -34.87 15.60
C ASP A 187 -14.06 -34.94 14.52
N GLU A 188 -15.21 -34.34 14.78
CA GLU A 188 -16.29 -34.34 13.79
C GLU A 188 -16.56 -32.93 13.28
N PRO A 189 -16.83 -32.81 11.96
CA PRO A 189 -17.08 -31.50 11.37
C PRO A 189 -18.31 -30.82 11.96
N VAL A 190 -18.21 -29.51 12.12
CA VAL A 190 -19.34 -28.73 12.60
C VAL A 190 -19.33 -27.37 11.89
N SER A 191 -20.52 -26.79 11.67
CA SER A 191 -20.59 -25.43 11.09
C SER A 191 -19.84 -24.44 11.97
N SER A 192 -19.43 -23.32 11.39
CA SER A 192 -18.79 -22.27 12.19
C SER A 192 -19.73 -21.78 13.29
N ARG A 193 -21.03 -21.62 12.96
CA ARG A 193 -22.05 -21.25 13.96
C ARG A 193 -22.02 -22.26 15.11
N GLY A 194 -21.92 -23.55 14.78
CA GLY A 194 -21.87 -24.62 15.77
C GLY A 194 -20.60 -24.57 16.60
N ALA A 195 -19.46 -24.41 15.93
CA ALA A 195 -18.15 -24.24 16.58
C ALA A 195 -18.15 -23.08 17.56
N THR A 196 -18.80 -21.99 17.18
CA THR A 196 -18.85 -20.79 18.04
C THR A 196 -19.67 -21.07 19.31
N VAL A 197 -20.80 -21.76 19.16
CA VAL A 197 -21.61 -22.18 20.33
C VAL A 197 -20.80 -23.09 21.28
N LEU A 198 -20.06 -24.05 20.72
CA LEU A 198 -19.21 -24.96 21.50
C LEU A 198 -18.10 -24.24 22.28
N ALA A 199 -17.35 -23.40 21.55
CA ALA A 199 -16.31 -22.55 22.17
C ALA A 199 -16.87 -21.62 23.27
N LYS A 200 -18.01 -20.99 23.00
CA LYS A 200 -18.70 -20.16 24.01
C LYS A 200 -19.02 -20.96 25.26
N ARG A 201 -19.57 -22.19 25.09
CA ARG A 201 -19.88 -23.08 26.22
C ARG A 201 -18.64 -23.35 27.09
N VAL A 202 -17.52 -23.64 26.42
CA VAL A 202 -16.23 -23.87 27.10
C VAL A 202 -15.82 -22.62 27.94
N ALA A 203 -15.84 -21.46 27.29
CA ALA A 203 -15.48 -20.18 27.94
C ALA A 203 -16.37 -19.86 29.14
N GLN A 204 -17.68 -19.98 28.96
CA GLN A 204 -18.62 -19.74 30.07
C GLN A 204 -18.44 -20.74 31.20
N ARG A 205 -18.13 -21.99 30.86
CA ARG A 205 -17.86 -23.01 31.88
C ARG A 205 -16.62 -22.67 32.69
N LEU A 206 -15.60 -22.19 32.00
CA LEU A 206 -14.37 -21.77 32.67
C LEU A 206 -14.63 -20.56 33.57
N GLU A 207 -15.40 -19.62 33.05
CA GLU A 207 -15.80 -18.45 33.81
C GLU A 207 -16.56 -18.80 35.08
N GLN A 208 -17.44 -19.79 34.98
CA GLN A 208 -18.16 -20.31 36.16
C GLN A 208 -17.19 -20.90 37.21
N ALA A 209 -16.18 -21.61 36.71
CA ALA A 209 -15.19 -22.29 37.52
C ALA A 209 -14.19 -21.34 38.20
N MET A 210 -13.77 -20.28 37.51
CA MET A 210 -12.83 -19.33 38.11
C MET A 210 -13.27 -17.92 37.78
N PRO A 211 -14.42 -17.48 38.34
CA PRO A 211 -14.88 -16.13 37.92
C PRO A 211 -13.96 -14.96 38.33
N ALA A 212 -13.06 -15.15 39.30
CA ALA A 212 -12.10 -14.10 39.67
C ALA A 212 -10.99 -13.94 38.62
N LEU A 213 -10.78 -14.99 37.81
CA LEU A 213 -9.60 -15.07 36.95
C LEU A 213 -9.91 -15.07 35.47
N VAL A 214 -11.16 -15.41 35.16
CA VAL A 214 -11.61 -15.52 33.75
C VAL A 214 -12.89 -14.77 33.48
N THR A 215 -12.94 -14.11 32.31
CA THR A 215 -14.22 -13.61 31.79
C THR A 215 -14.47 -14.16 30.37
N SER A 216 -15.75 -14.36 30.05
CA SER A 216 -16.16 -14.84 28.71
C SER A 216 -16.84 -13.75 27.90
N THR A 217 -16.93 -12.54 28.46
CA THR A 217 -17.52 -11.40 27.76
C THR A 217 -16.52 -10.27 27.59
N MET A 218 -16.79 -9.40 26.61
CA MET A 218 -15.90 -8.26 26.38
C MET A 218 -16.08 -7.14 27.42
N THR A 219 -17.28 -7.03 27.99
CA THR A 219 -17.61 -5.94 28.96
C THR A 219 -16.34 -5.39 29.63
N LYS A 220 -15.94 -4.18 29.25
CA LYS A 220 -14.62 -3.62 29.58
C LYS A 220 -14.31 -3.25 31.05
N SER A 221 -15.34 -3.10 31.87
CA SER A 221 -15.12 -2.81 33.29
C SER A 221 -14.97 -4.09 34.11
N LEU A 222 -15.11 -5.23 33.43
CA LEU A 222 -14.96 -6.53 34.07
C LEU A 222 -13.65 -7.21 33.61
N ARG A 223 -12.85 -6.47 32.85
CA ARG A 223 -11.67 -7.05 32.21
C ARG A 223 -10.42 -7.09 33.10
N ALA A 224 -10.26 -6.08 33.96
CA ALA A 224 -9.03 -5.97 34.74
C ALA A 224 -8.86 -7.19 35.66
N GLY A 225 -7.62 -7.68 35.73
CA GLY A 225 -7.27 -8.79 36.63
C GLY A 225 -7.72 -10.15 36.11
N LYS A 226 -8.36 -10.16 34.94
CA LYS A 226 -8.87 -11.40 34.34
C LYS A 226 -8.33 -11.69 32.96
N VAL A 227 -8.26 -12.97 32.63
CA VAL A 227 -8.07 -13.42 31.24
C VAL A 227 -9.42 -13.43 30.51
N PHE A 228 -9.49 -12.71 29.40
CA PHE A 228 -10.66 -12.76 28.56
C PHE A 228 -10.48 -13.97 27.63
N VAL A 229 -11.34 -14.96 27.80
CA VAL A 229 -11.30 -16.17 26.97
C VAL A 229 -12.26 -15.93 25.81
N ASP A 230 -11.70 -15.41 24.73
CA ASP A 230 -12.48 -14.98 23.59
C ASP A 230 -12.75 -16.18 22.67
N TRP A 231 -14.04 -16.54 22.61
CA TRP A 231 -14.57 -17.63 21.78
C TRP A 231 -15.10 -17.11 20.45
N SER A 232 -15.11 -15.78 20.28
CA SER A 232 -15.86 -15.14 19.17
C SER A 232 -15.20 -15.30 17.79
N GLN A 233 -13.90 -15.60 17.79
CA GLN A 233 -13.17 -15.80 16.52
C GLN A 233 -13.51 -17.10 15.75
N ASN A 234 -14.36 -17.92 16.35
CA ASN A 234 -14.89 -19.09 15.66
C ASN A 234 -16.02 -18.71 14.70
N SER A 235 -16.51 -17.46 14.77
CA SER A 235 -17.49 -17.03 13.77
C SER A 235 -16.89 -17.15 12.36
N GLY A 236 -17.72 -17.63 11.42
CA GLY A 236 -17.24 -17.81 10.06
C GLY A 236 -16.76 -16.54 9.38
N SER A 237 -17.26 -15.38 9.86
CA SER A 237 -16.89 -14.09 9.26
C SER A 237 -15.66 -13.47 9.92
N LYS A 238 -15.12 -14.12 10.94
CA LYS A 238 -13.90 -13.63 11.61
C LYS A 238 -12.64 -14.37 11.17
N THR A 239 -11.49 -13.71 11.32
CA THR A 239 -10.25 -14.30 10.83
C THR A 239 -9.22 -14.06 11.97
N THR A 240 -8.24 -14.94 12.07
CA THR A 240 -7.27 -14.95 13.18
C THR A 240 -5.86 -15.12 12.59
N ILE A 241 -4.94 -14.33 13.12
CA ILE A 241 -3.52 -14.42 12.73
C ILE A 241 -3.07 -15.87 12.58
N ALA A 242 -2.45 -16.17 11.45
CA ALA A 242 -2.06 -17.55 11.18
C ALA A 242 -0.82 -17.98 11.95
N PRO A 243 -0.81 -19.25 12.43
CA PRO A 243 0.44 -19.72 13.02
C PRO A 243 1.62 -19.48 12.04
N TYR A 244 2.75 -19.09 12.63
CA TYR A 244 3.99 -18.73 11.89
C TYR A 244 3.97 -17.38 11.16
N SER A 245 2.81 -16.72 11.13
CA SER A 245 2.80 -15.35 10.56
C SER A 245 3.67 -14.41 11.39
N LEU A 246 4.36 -13.51 10.72
CA LEU A 246 5.00 -12.36 11.38
C LEU A 246 3.88 -11.47 11.89
N ARG A 247 4.27 -10.57 12.79
CA ARG A 247 3.39 -9.51 13.27
C ARG A 247 3.95 -8.15 12.86
N GLY A 248 3.04 -7.25 12.53
CA GLY A 248 3.44 -5.87 12.15
C GLY A 248 3.51 -5.05 13.42
N ARG A 249 4.58 -5.26 14.16
CA ARG A 249 4.78 -4.66 15.47
C ARG A 249 6.19 -4.10 15.45
N THR A 250 6.56 -3.43 16.53
CA THR A 250 7.91 -2.83 16.58
C THR A 250 9.03 -3.83 16.30
N HIS A 251 8.89 -5.06 16.83
CA HIS A 251 9.83 -6.14 16.50
C HIS A 251 9.13 -7.18 15.65
N PRO A 252 9.89 -7.89 14.82
CA PRO A 252 9.36 -8.97 13.99
C PRO A 252 9.06 -10.25 14.78
N THR A 253 8.10 -10.14 15.68
CA THR A 253 7.68 -11.31 16.44
C THR A 253 6.74 -12.17 15.56
N VAL A 254 6.41 -13.36 16.06
CA VAL A 254 5.65 -14.35 15.26
C VAL A 254 4.54 -15.00 16.09
N ALA A 255 3.46 -15.41 15.39
CA ALA A 255 2.46 -16.26 16.02
C ALA A 255 3.10 -17.67 16.16
N ALA A 256 3.76 -17.90 17.30
CA ALA A 256 4.72 -19.03 17.41
C ALA A 256 4.12 -20.22 18.19
N PRO A 257 4.05 -21.43 17.57
CA PRO A 257 3.65 -22.59 18.38
C PRO A 257 4.61 -22.85 19.52
N ARG A 258 4.03 -23.25 20.66
CA ARG A 258 4.80 -23.53 21.88
C ARG A 258 4.41 -24.91 22.42
N THR A 259 5.28 -25.44 23.27
CA THR A 259 4.91 -26.59 24.12
C THR A 259 4.19 -26.12 25.40
N TRP A 260 3.43 -27.03 25.99
CA TRP A 260 2.76 -26.71 27.26
C TRP A 260 3.81 -26.38 28.35
N ALA A 261 4.93 -27.09 28.34
CA ALA A 261 5.99 -26.83 29.34
C ALA A 261 6.59 -25.44 29.17
N GLU A 262 6.64 -24.98 27.93
CA GLU A 262 7.10 -23.61 27.69
C GLU A 262 6.22 -22.56 28.39
N LEU A 263 4.92 -22.81 28.45
CA LEU A 263 4.00 -21.86 29.10
C LEU A 263 4.23 -21.74 30.59
N ASP A 264 4.87 -22.76 31.19
CA ASP A 264 5.17 -22.78 32.63
C ASP A 264 6.33 -21.88 33.02
N ASP A 265 6.97 -21.27 32.03
CA ASP A 265 8.09 -20.37 32.28
C ASP A 265 7.59 -18.97 32.66
N PRO A 266 7.91 -18.52 33.90
CA PRO A 266 7.47 -17.19 34.32
C PRO A 266 8.06 -16.07 33.45
N ALA A 267 9.16 -16.39 32.77
CA ALA A 267 9.81 -15.48 31.83
C ALA A 267 9.30 -15.68 30.40
N LEU A 268 8.16 -16.36 30.24
CA LEU A 268 7.59 -16.55 28.92
C LEU A 268 7.45 -15.21 28.19
N ARG A 269 7.90 -15.21 26.94
CA ARG A 269 7.79 -14.03 26.12
C ARG A 269 7.48 -14.42 24.70
N GLN A 270 7.15 -13.41 23.89
CA GLN A 270 6.90 -13.63 22.47
C GLN A 270 8.22 -13.97 21.77
N LEU A 271 8.14 -14.77 20.70
CA LEU A 271 9.35 -15.16 19.99
C LEU A 271 9.55 -14.39 18.69
N SER A 272 10.81 -14.16 18.33
CA SER A 272 11.16 -13.44 17.09
C SER A 272 11.25 -14.43 15.94
N TYR A 273 11.09 -13.93 14.71
CA TYR A 273 11.22 -14.77 13.54
C TYR A 273 12.49 -15.63 13.48
N ASP A 274 13.62 -15.07 13.88
CA ASP A 274 14.87 -15.83 13.88
C ASP A 274 14.83 -17.02 14.83
N GLU A 275 14.21 -16.83 15.99
CA GLU A 275 14.06 -17.91 16.97
C GLU A 275 13.14 -19.01 16.44
N VAL A 276 12.08 -18.60 15.74
CA VAL A 276 11.11 -19.55 15.19
C VAL A 276 11.81 -20.46 14.19
N LEU A 277 12.65 -19.88 13.35
CA LEU A 277 13.41 -20.67 12.37
C LEU A 277 14.30 -21.73 13.06
N THR A 278 15.00 -21.31 14.11
CA THR A 278 15.88 -22.21 14.88
C THR A 278 15.07 -23.37 15.49
N ARG A 279 13.91 -23.02 16.00
CA ARG A 279 13.00 -24.00 16.62
C ARG A 279 12.50 -25.04 15.60
N ILE A 280 12.13 -24.56 14.40
CA ILE A 280 11.67 -25.47 13.35
C ILE A 280 12.75 -26.49 12.99
N ALA A 281 13.99 -26.03 12.86
CA ALA A 281 15.12 -26.89 12.53
C ALA A 281 15.34 -27.98 13.59
N ARG A 282 15.08 -27.63 14.85
CA ARG A 282 15.35 -28.53 15.98
C ARG A 282 14.20 -29.50 16.25
N ASP A 283 12.98 -28.97 16.24
CA ASP A 283 11.83 -29.73 16.71
C ASP A 283 10.75 -30.01 15.63
N GLY A 284 10.94 -29.44 14.45
CA GLY A 284 9.90 -29.47 13.42
C GLY A 284 8.67 -28.69 13.86
N ASP A 285 7.50 -29.08 13.33
CA ASP A 285 6.26 -28.34 13.57
C ASP A 285 5.53 -28.89 14.81
N LEU A 286 5.41 -28.06 15.86
CA LEU A 286 4.67 -28.46 17.07
C LEU A 286 3.15 -28.59 16.80
N LEU A 287 2.70 -27.98 15.70
CA LEU A 287 1.29 -28.08 15.26
C LEU A 287 1.07 -29.19 14.21
N GLU A 288 2.03 -30.09 14.03
CA GLU A 288 1.90 -31.16 13.02
C GLU A 288 0.50 -31.80 13.00
N ARG A 289 -0.02 -32.07 14.20
CA ARG A 289 -1.27 -32.83 14.36
C ARG A 289 -2.54 -31.99 14.23
N LEU A 290 -2.39 -30.67 14.15
CA LEU A 290 -3.58 -29.79 14.11
C LEU A 290 -4.41 -29.90 12.82
N ASP A 291 -3.73 -30.02 11.68
CA ASP A 291 -4.38 -30.00 10.37
C ASP A 291 -4.05 -31.20 9.51
N GLN B 10 3.90 10.73 12.17
CA GLN B 10 2.89 10.85 11.08
C GLN B 10 2.10 9.55 10.92
N ARG B 11 0.77 9.65 11.07
CA ARG B 11 -0.14 8.50 10.94
C ARG B 11 -1.32 8.85 10.01
N VAL B 12 -1.79 7.84 9.28
CA VAL B 12 -2.95 7.94 8.38
C VAL B 12 -3.75 6.67 8.54
N THR B 13 -5.05 6.80 8.79
CA THR B 13 -5.92 5.64 8.80
C THR B 13 -6.29 5.27 7.36
N LEU B 14 -5.84 4.11 6.90
CA LEU B 14 -6.11 3.68 5.48
C LEU B 14 -7.33 2.80 5.47
N THR B 15 -8.18 3.05 4.48
CA THR B 15 -9.46 2.35 4.36
C THR B 15 -9.71 1.95 2.90
N ASN B 16 -10.61 0.98 2.76
CA ASN B 16 -11.14 0.61 1.44
C ASN B 16 -10.04 0.14 0.45
N ALA B 17 -9.05 -0.61 0.96
CA ALA B 17 -7.96 -1.07 0.10
C ALA B 17 -8.46 -1.89 -1.12
N ASP B 18 -9.60 -2.58 -0.93
CA ASP B 18 -10.14 -3.49 -1.95
C ASP B 18 -10.86 -2.72 -3.07
N LYS B 19 -11.11 -1.41 -2.85
CA LYS B 19 -11.91 -0.62 -3.80
C LYS B 19 -11.21 -0.56 -5.17
N VAL B 20 -11.95 -0.86 -6.24
CA VAL B 20 -11.40 -0.67 -7.58
C VAL B 20 -11.60 0.80 -7.98
N LEU B 21 -10.50 1.49 -8.28
CA LEU B 21 -10.57 2.91 -8.68
C LEU B 21 -10.45 3.12 -10.20
N TYR B 22 -9.94 2.08 -10.90
CA TYR B 22 -9.88 2.05 -12.36
C TYR B 22 -10.60 0.78 -12.84
N PRO B 23 -11.92 0.87 -13.07
CA PRO B 23 -12.69 -0.35 -13.45
C PRO B 23 -12.13 -1.03 -14.72
N ALA B 24 -11.61 -0.25 -15.66
CA ALA B 24 -11.13 -0.79 -16.93
C ALA B 24 -10.02 -1.81 -16.75
N THR B 25 -9.18 -1.58 -15.75
CA THR B 25 -8.01 -2.41 -15.54
C THR B 25 -8.04 -3.14 -14.19
N GLY B 26 -9.05 -2.81 -13.36
CA GLY B 26 -9.18 -3.46 -12.03
C GLY B 26 -8.21 -2.95 -11.00
N THR B 27 -7.60 -1.80 -11.30
CA THR B 27 -6.61 -1.20 -10.40
C THR B 27 -7.26 -0.73 -9.10
N THR B 28 -6.74 -1.22 -7.99
CA THR B 28 -7.40 -1.01 -6.69
C THR B 28 -6.73 0.11 -5.87
N LYS B 29 -7.42 0.52 -4.81
CA LYS B 29 -6.78 1.36 -3.84
C LYS B 29 -5.50 0.72 -3.25
N SER B 30 -5.47 -0.61 -3.09
CA SER B 30 -4.21 -1.21 -2.60
C SER B 30 -3.05 -1.06 -3.57
N ASP B 31 -3.35 -1.21 -4.88
CA ASP B 31 -2.36 -0.94 -5.92
C ASP B 31 -1.82 0.49 -5.82
N ILE B 32 -2.70 1.44 -5.56
CA ILE B 32 -2.31 2.85 -5.47
C ILE B 32 -1.50 3.16 -4.18
N PHE B 33 -1.88 2.54 -3.08
CA PHE B 33 -1.09 2.58 -1.84
C PHE B 33 0.33 2.07 -2.13
N ASP B 34 0.41 0.92 -2.79
CA ASP B 34 1.72 0.35 -3.06
C ASP B 34 2.50 1.25 -4.02
N TYR B 35 1.80 1.77 -5.04
CA TYR B 35 2.47 2.67 -5.99
C TYR B 35 3.12 3.88 -5.30
N TYR B 36 2.30 4.62 -4.54
CA TYR B 36 2.81 5.86 -3.96
C TYR B 36 3.83 5.59 -2.83
N ALA B 37 3.70 4.45 -2.18
CA ALA B 37 4.74 3.98 -1.27
C ALA B 37 6.06 3.74 -2.00
N GLY B 38 5.96 3.06 -3.16
CA GLY B 38 7.13 2.68 -3.95
C GLY B 38 7.84 3.83 -4.64
N VAL B 39 7.07 4.82 -5.09
CA VAL B 39 7.67 5.94 -5.81
C VAL B 39 8.04 7.12 -4.93
N ALA B 40 7.66 7.05 -3.65
CA ALA B 40 7.92 8.15 -2.70
C ALA B 40 9.37 8.67 -2.77
N GLU B 41 10.33 7.76 -2.66
CA GLU B 41 11.75 8.16 -2.61
C GLU B 41 12.12 9.05 -3.80
N VAL B 42 11.75 8.63 -5.01
CA VAL B 42 12.07 9.45 -6.19
C VAL B 42 11.08 10.60 -6.44
N MET B 43 9.84 10.43 -6.00
CA MET B 43 8.83 11.45 -6.31
C MET B 43 8.99 12.70 -5.43
N LEU B 44 9.35 12.48 -4.15
CA LEU B 44 9.32 13.59 -3.18
C LEU B 44 10.18 14.77 -3.59
N GLY B 45 11.33 14.49 -4.17
CA GLY B 45 12.32 15.55 -4.47
C GLY B 45 11.75 16.58 -5.41
N HIS B 46 10.84 16.14 -6.29
CA HIS B 46 10.23 17.03 -7.30
C HIS B 46 8.95 17.76 -6.88
N ILE B 47 8.42 17.39 -5.71
CA ILE B 47 7.26 18.09 -5.12
C ILE B 47 7.54 18.78 -3.75
N ALA B 48 8.68 18.46 -3.14
CA ALA B 48 9.06 19.07 -1.87
C ALA B 48 9.09 20.59 -2.01
N GLY B 49 8.59 21.28 -0.98
CA GLY B 49 8.64 22.74 -0.95
C GLY B 49 7.58 23.42 -1.80
N ARG B 50 6.73 22.62 -2.44
CA ARG B 50 5.76 23.15 -3.41
C ARG B 50 4.29 22.97 -2.91
N PRO B 51 3.40 23.94 -3.18
CA PRO B 51 2.00 23.70 -2.74
C PRO B 51 1.42 22.62 -3.62
N ALA B 52 0.84 21.61 -2.99
CA ALA B 52 0.24 20.47 -3.71
C ALA B 52 -1.27 20.65 -3.89
N THR B 53 -1.70 20.73 -5.15
CA THR B 53 -3.13 20.72 -5.51
C THR B 53 -3.53 19.27 -5.77
N ARG B 54 -4.63 18.82 -5.19
CA ARG B 54 -5.08 17.44 -5.33
C ARG B 54 -6.19 17.43 -6.39
N LYS B 55 -6.19 16.42 -7.25
CA LYS B 55 -7.42 16.14 -8.00
C LYS B 55 -7.88 14.73 -7.59
N ARG B 56 -9.10 14.66 -7.10
CA ARG B 56 -9.61 13.44 -6.43
C ARG B 56 -10.72 12.76 -7.24
N TRP B 57 -10.67 11.43 -7.26
CA TRP B 57 -11.70 10.61 -7.88
C TRP B 57 -12.14 9.61 -6.81
N PRO B 58 -12.88 10.09 -5.78
CA PRO B 58 -13.21 9.19 -4.66
C PRO B 58 -14.08 8.01 -5.06
N ASN B 59 -14.82 8.15 -6.15
CA ASN B 59 -15.69 7.08 -6.64
C ASN B 59 -15.12 6.42 -7.91
N GLY B 60 -13.82 6.64 -8.12
CA GLY B 60 -13.13 6.01 -9.27
C GLY B 60 -13.16 6.85 -10.54
N VAL B 61 -12.32 6.46 -11.49
CA VAL B 61 -12.07 7.30 -12.67
C VAL B 61 -13.25 7.41 -13.64
N ASP B 62 -14.20 6.49 -13.52
CA ASP B 62 -15.39 6.52 -14.39
C ASP B 62 -16.52 7.32 -13.73
N GLN B 63 -16.19 7.98 -12.63
CA GLN B 63 -17.12 8.85 -11.91
C GLN B 63 -16.53 10.25 -11.78
N PRO B 64 -17.38 11.27 -11.57
CA PRO B 64 -16.82 12.63 -11.55
C PRO B 64 -15.71 12.86 -10.50
N ALA B 65 -14.79 13.75 -10.85
CA ALA B 65 -13.73 14.18 -9.96
C ALA B 65 -13.97 15.59 -9.41
N PHE B 66 -13.05 16.03 -8.54
CA PHE B 66 -13.04 17.42 -8.12
C PHE B 66 -11.64 17.82 -7.70
N PHE B 67 -11.32 19.10 -7.93
CA PHE B 67 -10.06 19.65 -7.40
C PHE B 67 -10.24 19.99 -5.91
N GLU B 68 -9.16 19.83 -5.17
CA GLU B 68 -9.12 20.42 -3.83
C GLU B 68 -7.80 21.14 -3.72
N LYS B 69 -7.87 22.41 -3.34
CA LYS B 69 -6.65 23.22 -3.23
C LYS B 69 -6.46 23.52 -1.75
N GLN B 70 -7.36 24.33 -1.19
CA GLN B 70 -7.30 24.64 0.25
C GLN B 70 -7.19 23.35 1.06
N LEU B 71 -6.26 23.35 2.01
CA LEU B 71 -6.14 22.24 2.95
C LEU B 71 -7.23 22.32 4.04
N ALA B 72 -8.16 21.34 4.03
CA ALA B 72 -9.20 21.25 5.05
C ALA B 72 -8.60 21.11 6.46
N LEU B 73 -9.22 21.73 7.45
CA LEU B 73 -8.71 21.62 8.82
C LEU B 73 -8.77 20.18 9.35
N SER B 74 -9.61 19.36 8.72
CA SER B 74 -9.70 17.92 9.02
C SER B 74 -8.45 17.11 8.65
N ALA B 75 -7.58 17.68 7.80
CA ALA B 75 -6.39 16.96 7.32
C ALA B 75 -5.41 16.76 8.50
N PRO B 76 -4.54 15.73 8.39
CA PRO B 76 -3.59 15.49 9.50
C PRO B 76 -2.78 16.74 9.92
N PRO B 77 -2.75 17.04 11.24
CA PRO B 77 -2.01 18.21 11.73
C PRO B 77 -0.52 18.18 11.39
N TRP B 78 0.05 16.99 11.18
CA TRP B 78 1.49 16.87 10.87
C TRP B 78 1.90 17.29 9.43
N LEU B 79 0.94 17.47 8.52
CA LEU B 79 1.27 17.86 7.14
C LEU B 79 1.84 19.25 7.14
N SER B 80 2.95 19.40 6.43
CA SER B 80 3.53 20.69 6.16
C SER B 80 2.51 21.51 5.34
N ARG B 81 2.50 22.83 5.56
CA ARG B 81 1.59 23.72 4.82
C ARG B 81 2.07 25.15 4.71
N ALA B 82 1.50 25.85 3.73
CA ALA B 82 1.84 27.26 3.54
C ALA B 82 0.77 28.00 2.78
N THR B 83 0.76 29.33 2.91
CA THR B 83 -0.30 30.12 2.33
C THR B 83 0.15 30.93 1.13
N VAL B 84 -0.73 31.02 0.14
CA VAL B 84 -0.48 31.85 -1.03
C VAL B 84 -1.59 32.91 -1.10
N ALA B 85 -1.19 34.17 -1.25
CA ALA B 85 -2.17 35.24 -1.40
C ALA B 85 -2.69 35.35 -2.84
N HIS B 86 -3.95 35.75 -2.97
CA HIS B 86 -4.51 36.18 -4.26
C HIS B 86 -5.46 37.37 -4.06
N ARG B 87 -5.97 37.91 -5.16
CA ARG B 87 -6.71 39.19 -5.13
C ARG B 87 -7.99 39.15 -4.28
N SER B 88 -8.60 37.97 -4.20
CA SER B 88 -9.68 37.71 -3.25
C SER B 88 -9.15 37.64 -1.80
N GLY B 89 -8.45 36.57 -1.47
CA GLY B 89 -7.88 36.38 -0.11
C GLY B 89 -6.61 35.53 -0.10
N THR B 90 -6.70 34.31 0.45
CA THR B 90 -5.53 33.44 0.56
C THR B 90 -5.91 31.96 0.46
N THR B 91 -4.97 31.15 0.01
CA THR B 91 -5.15 29.70 0.05
C THR B 91 -4.01 29.04 0.81
N THR B 92 -4.36 28.17 1.75
CA THR B 92 -3.36 27.38 2.45
C THR B 92 -3.33 25.98 1.81
N TYR B 93 -2.16 25.60 1.33
CA TYR B 93 -1.96 24.34 0.63
C TYR B 93 -1.14 23.40 1.50
N PRO B 94 -1.34 22.07 1.33
CA PRO B 94 -0.44 21.12 1.96
C PRO B 94 0.84 21.16 1.14
N ILE B 95 1.92 20.78 1.77
CA ILE B 95 3.20 20.56 1.07
C ILE B 95 3.56 19.11 1.37
N ILE B 96 3.71 18.29 0.34
CA ILE B 96 3.93 16.87 0.52
C ILE B 96 5.43 16.63 0.50
N ASP B 97 5.94 16.10 1.60
CA ASP B 97 7.41 16.04 1.78
C ASP B 97 7.83 14.80 2.54
N SER B 98 6.92 13.83 2.59
CA SER B 98 7.21 12.55 3.25
C SER B 98 6.40 11.41 2.61
N ALA B 99 6.89 10.18 2.77
CA ALA B 99 6.09 9.03 2.26
C ALA B 99 4.71 8.99 2.89
N THR B 100 4.61 9.34 4.16
CA THR B 100 3.29 9.33 4.84
C THR B 100 2.32 10.34 4.23
N GLY B 101 2.85 11.47 3.80
CA GLY B 101 2.05 12.44 3.03
C GLY B 101 1.50 11.84 1.75
N LEU B 102 2.30 11.05 1.07
CA LEU B 102 1.76 10.40 -0.15
C LEU B 102 0.75 9.29 0.19
N ALA B 103 0.91 8.67 1.35
CA ALA B 103 -0.11 7.70 1.78
C ALA B 103 -1.44 8.43 2.03
N TRP B 104 -1.35 9.64 2.61
CA TRP B 104 -2.55 10.48 2.75
C TRP B 104 -3.19 10.85 1.39
N ILE B 105 -2.36 11.26 0.45
CA ILE B 105 -2.83 11.51 -0.94
C ILE B 105 -3.60 10.29 -1.50
N ALA B 106 -3.01 9.11 -1.36
CA ALA B 106 -3.63 7.86 -1.83
C ALA B 106 -4.93 7.60 -1.07
N GLN B 107 -4.92 7.81 0.25
CA GLN B 107 -6.10 7.53 1.11
C GLN B 107 -7.31 8.36 0.67
N GLN B 108 -7.01 9.58 0.22
CA GLN B 108 -7.99 10.59 -0.24
C GLN B 108 -8.46 10.29 -1.68
N ALA B 109 -7.90 9.25 -2.29
CA ALA B 109 -8.14 9.05 -3.73
C ALA B 109 -7.76 10.29 -4.54
N ALA B 110 -6.71 11.00 -4.08
CA ALA B 110 -6.17 12.11 -4.84
C ALA B 110 -5.21 11.48 -5.84
N LEU B 111 -5.76 10.90 -6.90
CA LEU B 111 -4.90 10.20 -7.89
C LEU B 111 -3.87 11.14 -8.43
N GLU B 112 -4.26 12.40 -8.60
CA GLU B 112 -3.34 13.42 -9.17
C GLU B 112 -2.82 14.41 -8.15
N VAL B 113 -1.51 14.68 -8.22
CA VAL B 113 -0.85 15.73 -7.45
C VAL B 113 -0.32 16.70 -8.50
N HIS B 114 -0.68 17.98 -8.35
CA HIS B 114 -0.30 19.08 -9.24
C HIS B 114 0.52 20.07 -8.42
N VAL B 115 1.65 20.53 -8.98
CA VAL B 115 2.52 21.50 -8.29
C VAL B 115 2.99 22.56 -9.30
N PRO B 116 3.26 23.79 -8.81
CA PRO B 116 3.86 24.85 -9.64
C PRO B 116 5.39 24.70 -9.73
N GLN B 117 6.03 25.58 -10.49
CA GLN B 117 7.45 25.45 -10.79
C GLN B 117 8.33 26.22 -9.81
N TRP B 118 7.71 26.78 -8.79
CA TRP B 118 8.40 27.48 -7.72
C TRP B 118 8.24 26.73 -6.40
N ARG B 119 9.16 27.00 -5.46
CA ARG B 119 9.05 26.47 -4.11
C ARG B 119 8.87 27.61 -3.11
N PHE B 120 8.20 27.30 -2.01
CA PHE B 120 8.22 28.20 -0.85
C PHE B 120 9.63 28.36 -0.32
N VAL B 121 9.94 29.58 0.12
CA VAL B 121 11.19 29.85 0.80
C VAL B 121 10.89 30.50 2.15
N ALA B 122 11.58 30.04 3.18
CA ALA B 122 11.36 30.60 4.50
C ALA B 122 12.00 31.99 4.56
N GLU B 123 11.20 32.99 4.95
CA GLU B 123 11.67 34.39 4.97
C GLU B 123 12.54 34.70 6.19
N PRO B 124 13.53 35.61 6.02
CA PRO B 124 14.61 35.87 7.01
C PRO B 124 14.16 36.09 8.46
N GLY B 125 13.37 37.14 8.71
CA GLY B 125 12.97 37.52 10.08
C GLY B 125 12.24 36.40 10.79
N SER B 126 10.95 36.27 10.49
CA SER B 126 10.18 35.10 10.90
C SER B 126 10.24 34.15 9.75
N GLY B 127 10.50 32.88 10.03
CA GLY B 127 10.62 31.85 9.00
C GLY B 127 9.30 31.51 8.32
N GLU B 128 8.49 32.54 8.05
CA GLU B 128 7.23 32.40 7.32
C GLU B 128 7.54 31.94 5.89
N LEU B 129 6.81 30.94 5.41
CA LEU B 129 6.97 30.45 4.05
C LEU B 129 6.21 31.30 3.04
N ASN B 130 6.95 31.88 2.11
CA ASN B 130 6.37 32.64 1.00
C ASN B 130 6.82 32.08 -0.35
N PRO B 131 6.00 32.26 -1.40
CA PRO B 131 6.45 31.85 -2.73
C PRO B 131 7.83 32.40 -3.10
N GLY B 132 8.72 31.50 -3.49
CA GLY B 132 10.08 31.87 -3.92
C GLY B 132 10.17 31.88 -5.44
N PRO B 133 11.40 31.96 -5.97
CA PRO B 133 11.57 32.03 -7.42
C PRO B 133 11.29 30.66 -8.06
N ALA B 134 11.14 30.64 -9.38
CA ALA B 134 10.99 29.39 -10.08
C ALA B 134 12.32 28.63 -10.00
N THR B 135 12.26 27.31 -9.79
CA THR B 135 13.49 26.50 -9.80
C THR B 135 13.70 25.80 -11.14
N ARG B 136 12.64 25.75 -11.93
CA ARG B 136 12.65 25.04 -13.21
C ARG B 136 11.61 25.67 -14.11
N LEU B 137 11.76 25.40 -15.42
CA LEU B 137 10.74 25.68 -16.42
C LEU B 137 10.01 24.39 -16.76
N VAL B 138 8.74 24.53 -17.11
CA VAL B 138 7.98 23.45 -17.70
C VAL B 138 7.34 23.95 -18.98
N PHE B 139 7.35 23.05 -19.96
CA PHE B 139 6.59 23.24 -21.20
C PHE B 139 5.65 22.05 -21.32
N ASP B 140 4.39 22.34 -21.57
CA ASP B 140 3.39 21.31 -21.82
C ASP B 140 3.18 21.27 -23.33
N LEU B 141 3.63 20.19 -23.96
CA LEU B 141 3.44 19.99 -25.42
C LEU B 141 2.16 19.19 -25.62
N ASP B 142 1.13 19.88 -26.08
CA ASP B 142 -0.21 19.33 -26.17
C ASP B 142 -0.50 19.08 -27.64
N PRO B 143 -0.68 17.80 -28.00
CA PRO B 143 -0.83 17.46 -29.42
C PRO B 143 -2.27 17.69 -29.88
N GLY B 144 -2.43 18.48 -30.95
CA GLY B 144 -3.76 18.71 -31.50
C GLY B 144 -4.25 17.56 -32.36
N GLU B 145 -5.42 17.75 -32.94
CA GLU B 145 -6.06 16.73 -33.77
C GLU B 145 -5.14 16.14 -34.85
N GLY B 146 -4.98 14.83 -34.81
CA GLY B 146 -4.24 14.10 -35.83
C GLY B 146 -2.72 14.10 -35.69
N VAL B 147 -2.22 14.76 -34.64
CA VAL B 147 -0.79 14.83 -34.35
C VAL B 147 -0.29 13.49 -33.78
N MET B 148 0.62 12.84 -34.49
CA MET B 148 1.19 11.55 -34.05
C MET B 148 2.52 11.78 -33.30
N MET B 149 2.88 10.82 -32.43
CA MET B 149 4.00 11.02 -31.48
C MET B 149 5.32 11.44 -32.15
N ALA B 150 5.50 11.03 -33.42
CA ALA B 150 6.67 11.43 -34.21
C ALA B 150 6.81 12.97 -34.33
N GLN B 151 5.70 13.65 -34.58
CA GLN B 151 5.68 15.12 -34.54
C GLN B 151 5.84 15.65 -33.11
N LEU B 152 5.23 14.98 -32.13
CA LEU B 152 5.37 15.41 -30.73
C LEU B 152 6.83 15.39 -30.30
N ALA B 153 7.52 14.30 -30.65
CA ALA B 153 8.96 14.13 -30.40
C ALA B 153 9.80 15.19 -31.09
N GLU B 154 9.48 15.44 -32.35
CA GLU B 154 10.25 16.37 -33.16
C GLU B 154 10.20 17.79 -32.59
N VAL B 155 9.00 18.18 -32.17
CA VAL B 155 8.78 19.46 -31.49
C VAL B 155 9.55 19.49 -30.17
N ALA B 156 9.49 18.39 -29.42
CA ALA B 156 10.21 18.31 -28.15
C ALA B 156 11.72 18.52 -28.32
N ARG B 157 12.30 17.84 -29.33
CA ARG B 157 13.74 17.98 -29.59
C ARG B 157 14.05 19.41 -30.00
N ALA B 158 13.13 20.04 -30.74
CA ALA B 158 13.34 21.44 -31.17
C ALA B 158 13.36 22.40 -29.96
N VAL B 159 12.47 22.18 -29.00
CA VAL B 159 12.54 22.89 -27.73
C VAL B 159 13.84 22.62 -26.97
N ARG B 160 14.24 21.35 -26.88
CA ARG B 160 15.47 21.00 -26.18
C ARG B 160 16.66 21.77 -26.77
N ASP B 161 16.69 21.86 -28.09
CA ASP B 161 17.79 22.48 -28.80
C ASP B 161 17.87 23.98 -28.49
N LEU B 162 16.73 24.66 -28.46
CA LEU B 162 16.67 26.11 -28.15
C LEU B 162 17.12 26.41 -26.71
N LEU B 163 16.72 25.57 -25.78
CA LEU B 163 17.16 25.72 -24.38
C LEU B 163 18.67 25.44 -24.23
N ALA B 164 19.17 24.46 -24.99
CA ALA B 164 20.59 24.12 -24.96
C ALA B 164 21.42 25.31 -25.47
N ASP B 165 20.87 26.05 -26.43
CA ASP B 165 21.54 27.24 -27.00
C ASP B 165 21.77 28.28 -25.92
N ILE B 166 20.95 28.22 -24.88
CA ILE B 166 21.10 29.13 -23.73
C ILE B 166 21.74 28.42 -22.50
N GLY B 167 22.26 27.22 -22.70
CA GLY B 167 23.02 26.49 -21.67
C GLY B 167 22.17 25.69 -20.69
N LEU B 168 20.90 25.47 -21.03
CA LEU B 168 19.99 24.76 -20.15
C LEU B 168 19.77 23.32 -20.64
N VAL B 169 19.50 22.42 -19.68
CA VAL B 169 19.31 21.00 -19.94
C VAL B 169 17.80 20.72 -19.87
N THR B 170 17.31 19.80 -20.69
CA THR B 170 15.86 19.48 -20.73
C THR B 170 15.62 17.99 -20.53
N PHE B 171 14.61 17.67 -19.72
CA PHE B 171 14.19 16.31 -19.37
C PHE B 171 12.74 16.10 -19.81
N PRO B 172 12.48 15.06 -20.62
CA PRO B 172 11.12 14.76 -21.04
C PRO B 172 10.37 13.87 -20.05
N VAL B 173 9.09 14.18 -19.87
CA VAL B 173 8.21 13.39 -19.01
C VAL B 173 6.90 13.21 -19.80
N THR B 174 6.64 11.99 -20.27
CA THR B 174 5.33 11.76 -20.94
C THR B 174 4.23 11.90 -19.85
N SER B 175 3.19 12.67 -20.18
CA SER B 175 2.26 13.19 -19.16
C SER B 175 1.35 12.16 -18.55
N GLY B 176 1.16 11.02 -19.25
CA GLY B 176 0.18 10.01 -18.87
C GLY B 176 -1.11 10.17 -19.65
N SER B 177 -1.33 11.38 -20.17
CA SER B 177 -2.54 11.58 -20.99
C SER B 177 -2.25 11.69 -22.49
N LYS B 178 -2.33 12.89 -23.05
CA LYS B 178 -2.18 13.10 -24.51
C LYS B 178 -0.75 13.40 -24.96
N GLY B 179 -0.09 14.23 -24.17
CA GLY B 179 1.15 14.85 -24.63
C GLY B 179 2.31 14.60 -23.71
N LEU B 180 3.21 15.57 -23.66
CA LEU B 180 4.41 15.37 -22.89
C LEU B 180 4.86 16.70 -22.31
N HIS B 181 5.44 16.61 -21.13
CA HIS B 181 6.01 17.79 -20.49
C HIS B 181 7.51 17.76 -20.60
N LEU B 182 8.08 18.95 -20.74
CA LEU B 182 9.51 19.10 -20.76
C LEU B 182 9.89 19.99 -19.57
N TYR B 183 10.80 19.50 -18.72
CA TYR B 183 11.31 20.23 -17.55
C TYR B 183 12.76 20.64 -17.78
N THR B 184 13.10 21.84 -17.33
CA THR B 184 14.46 22.35 -17.50
C THR B 184 14.85 23.01 -16.16
N PRO B 185 15.87 22.47 -15.47
CA PRO B 185 16.23 23.11 -14.20
C PRO B 185 16.87 24.46 -14.50
N LEU B 186 16.52 25.47 -13.73
CA LEU B 186 17.15 26.78 -13.86
C LEU B 186 18.44 26.81 -13.03
N ASP B 187 19.50 27.26 -13.67
CA ASP B 187 20.79 27.31 -13.01
C ASP B 187 20.74 28.36 -11.90
N GLU B 188 20.35 29.59 -12.25
CA GLU B 188 20.00 30.59 -11.24
C GLU B 188 18.47 30.73 -11.19
N PRO B 189 17.84 30.56 -10.01
CA PRO B 189 16.38 30.71 -10.06
C PRO B 189 16.04 32.17 -10.45
N VAL B 190 14.87 32.37 -11.04
CA VAL B 190 14.43 33.66 -11.58
C VAL B 190 13.00 33.74 -11.11
N SER B 191 12.40 34.94 -11.08
CA SER B 191 10.98 35.04 -10.71
C SER B 191 10.13 34.20 -11.68
N SER B 192 8.96 33.75 -11.22
CA SER B 192 8.02 33.08 -12.11
C SER B 192 7.62 33.98 -13.29
N ARG B 193 7.44 35.29 -13.05
CA ARG B 193 7.20 36.23 -14.15
C ARG B 193 8.31 36.15 -15.20
N GLY B 194 9.56 36.21 -14.74
CA GLY B 194 10.74 36.11 -15.62
C GLY B 194 10.87 34.78 -16.36
N ALA B 195 10.57 33.68 -15.65
CA ALA B 195 10.55 32.32 -16.22
C ALA B 195 9.51 32.24 -17.35
N THR B 196 8.37 32.89 -17.13
CA THR B 196 7.27 32.86 -18.09
C THR B 196 7.66 33.63 -19.36
N VAL B 197 8.26 34.81 -19.19
CA VAL B 197 8.80 35.59 -20.32
C VAL B 197 9.73 34.69 -21.13
N LEU B 198 10.68 34.06 -20.45
CA LEU B 198 11.67 33.22 -21.11
C LEU B 198 11.01 32.06 -21.88
N ALA B 199 10.13 31.33 -21.21
CA ALA B 199 9.41 30.21 -21.83
C ALA B 199 8.58 30.68 -23.04
N LYS B 200 7.90 31.81 -22.90
CA LYS B 200 7.09 32.37 -23.99
C LYS B 200 7.94 32.68 -25.22
N ARG B 201 9.13 33.26 -24.98
CA ARG B 201 10.10 33.58 -26.07
C ARG B 201 10.50 32.30 -26.81
N VAL B 202 10.72 31.21 -26.07
CA VAL B 202 11.15 29.96 -26.66
C VAL B 202 10.03 29.42 -27.53
N ALA B 203 8.80 29.46 -27.00
CA ALA B 203 7.63 28.92 -27.72
C ALA B 203 7.39 29.71 -29.02
N GLN B 204 7.51 31.04 -28.91
CA GLN B 204 7.22 31.92 -30.04
C GLN B 204 8.28 31.82 -31.15
N ARG B 205 9.54 31.65 -30.73
CA ARG B 205 10.62 31.37 -31.69
C ARG B 205 10.37 30.06 -32.44
N LEU B 206 9.97 29.01 -31.72
CA LEU B 206 9.71 27.72 -32.37
C LEU B 206 8.55 27.86 -33.34
N GLU B 207 7.50 28.53 -32.89
CA GLU B 207 6.35 28.82 -33.74
C GLU B 207 6.75 29.54 -35.04
N GLN B 208 7.61 30.54 -34.95
CA GLN B 208 8.00 31.31 -36.15
C GLN B 208 8.72 30.38 -37.12
N ALA B 209 9.51 29.48 -36.56
CA ALA B 209 10.32 28.56 -37.36
C ALA B 209 9.51 27.47 -38.06
N MET B 210 8.48 26.98 -37.37
CA MET B 210 7.68 25.87 -37.91
C MET B 210 6.19 26.11 -37.59
N PRO B 211 5.61 27.16 -38.20
CA PRO B 211 4.24 27.55 -37.87
C PRO B 211 3.17 26.50 -38.26
N ALA B 212 3.51 25.60 -39.20
CA ALA B 212 2.57 24.52 -39.58
C ALA B 212 2.54 23.40 -38.52
N LEU B 213 3.57 23.38 -37.66
CA LEU B 213 3.77 22.24 -36.76
C LEU B 213 3.63 22.62 -35.30
N VAL B 214 3.70 23.93 -35.02
CA VAL B 214 3.75 24.44 -33.63
C VAL B 214 2.90 25.69 -33.50
N THR B 215 2.11 25.79 -32.43
CA THR B 215 1.49 27.07 -32.05
C THR B 215 1.90 27.42 -30.62
N SER B 216 2.02 28.71 -30.33
CA SER B 216 2.25 29.19 -28.97
C SER B 216 0.99 29.75 -28.30
N THR B 217 -0.14 29.62 -29.01
CA THR B 217 -1.42 30.19 -28.57
C THR B 217 -2.38 29.06 -28.26
N MET B 218 -3.14 29.25 -27.18
CA MET B 218 -4.05 28.25 -26.63
C MET B 218 -5.23 27.91 -27.55
N THR B 219 -5.76 28.90 -28.27
CA THR B 219 -7.02 28.77 -29.04
C THR B 219 -7.22 27.42 -29.77
N LYS B 220 -8.42 26.85 -29.64
CA LYS B 220 -8.71 25.49 -30.10
C LYS B 220 -8.77 25.30 -31.62
N SER B 221 -9.34 26.27 -32.34
CA SER B 221 -9.55 26.15 -33.79
C SER B 221 -8.27 25.99 -34.61
N LEU B 222 -7.21 26.67 -34.18
CA LEU B 222 -5.94 26.62 -34.92
C LEU B 222 -5.00 25.53 -34.41
N ARG B 223 -5.51 24.69 -33.50
CA ARG B 223 -4.67 23.67 -32.87
C ARG B 223 -4.51 22.38 -33.71
N ALA B 224 -5.46 22.11 -34.60
CA ALA B 224 -5.41 20.90 -35.45
C ALA B 224 -4.09 20.75 -36.23
N GLY B 225 -3.48 19.56 -36.16
CA GLY B 225 -2.21 19.27 -36.84
C GLY B 225 -0.96 19.93 -36.24
N LYS B 226 -1.14 20.61 -35.11
CA LYS B 226 -0.03 21.35 -34.46
C LYS B 226 0.18 20.88 -33.03
N VAL B 227 1.42 21.02 -32.57
CA VAL B 227 1.73 20.86 -31.16
C VAL B 227 1.57 22.24 -30.53
N PHE B 228 0.68 22.34 -29.55
CA PHE B 228 0.59 23.57 -28.73
C PHE B 228 1.74 23.49 -27.73
N VAL B 229 2.73 24.38 -27.86
CA VAL B 229 3.85 24.47 -26.90
C VAL B 229 3.43 25.47 -25.81
N ASP B 230 2.80 24.94 -24.75
CA ASP B 230 2.22 25.80 -23.74
C ASP B 230 3.30 26.23 -22.74
N TRP B 231 3.62 27.52 -22.80
CA TRP B 231 4.62 28.17 -21.94
C TRP B 231 3.95 28.76 -20.67
N SER B 232 2.62 28.74 -20.64
CA SER B 232 1.86 29.53 -19.63
C SER B 232 1.85 28.97 -18.21
N GLN B 233 2.21 27.70 -18.08
CA GLN B 233 2.16 27.04 -16.79
C GLN B 233 3.34 27.42 -15.89
N ASN B 234 4.25 28.20 -16.47
CA ASN B 234 5.28 28.87 -15.64
C ASN B 234 4.77 30.07 -14.84
N SER B 235 3.56 30.53 -15.11
CA SER B 235 2.95 31.58 -14.30
C SER B 235 2.87 31.16 -12.83
N GLY B 236 3.02 32.13 -11.92
CA GLY B 236 3.00 31.82 -10.49
C GLY B 236 1.71 31.13 -10.04
N SER B 237 0.60 31.45 -10.71
CA SER B 237 -0.72 31.01 -10.29
C SER B 237 -1.17 29.66 -10.87
N LYS B 238 -0.35 29.14 -11.77
CA LYS B 238 -0.65 27.88 -12.46
C LYS B 238 0.03 26.71 -11.77
N THR B 239 -0.47 25.51 -12.06
CA THR B 239 0.11 24.29 -11.46
C THR B 239 0.11 23.17 -12.54
N THR B 240 1.03 22.19 -12.41
CA THR B 240 1.20 21.17 -13.45
C THR B 240 1.32 19.80 -12.79
N ILE B 241 0.71 18.81 -13.44
CA ILE B 241 0.81 17.45 -12.92
C ILE B 241 2.26 17.12 -12.54
N ALA B 242 2.43 16.60 -11.33
CA ALA B 242 3.80 16.31 -10.83
C ALA B 242 4.39 15.09 -11.49
N PRO B 243 5.73 15.10 -11.69
CA PRO B 243 6.37 13.85 -12.11
C PRO B 243 6.03 12.71 -11.15
N TYR B 244 5.80 11.52 -11.74
CA TYR B 244 5.40 10.32 -11.05
C TYR B 244 3.95 10.29 -10.58
N SER B 245 3.21 11.39 -10.75
CA SER B 245 1.77 11.31 -10.36
C SER B 245 1.03 10.32 -11.26
N LEU B 246 0.12 9.56 -10.66
CA LEU B 246 -0.91 8.85 -11.45
C LEU B 246 -1.77 9.87 -12.21
N ARG B 247 -2.47 9.39 -13.23
CA ARG B 247 -3.48 10.18 -13.92
C ARG B 247 -4.88 9.59 -13.68
N GLY B 248 -5.86 10.47 -13.48
CA GLY B 248 -7.28 10.05 -13.38
C GLY B 248 -7.87 9.92 -14.76
N ARG B 249 -7.69 8.74 -15.33
CA ARG B 249 -8.22 8.48 -16.68
C ARG B 249 -8.45 6.98 -16.75
N THR B 250 -8.94 6.51 -17.90
CA THR B 250 -9.41 5.11 -17.96
C THR B 250 -8.35 4.07 -17.52
N HIS B 251 -7.08 4.23 -17.93
CA HIS B 251 -6.01 3.38 -17.45
C HIS B 251 -5.06 4.13 -16.51
N PRO B 252 -4.43 3.43 -15.56
CA PRO B 252 -3.57 4.08 -14.55
C PRO B 252 -2.17 4.41 -15.09
N THR B 253 -2.15 5.34 -16.06
CA THR B 253 -0.89 5.84 -16.57
C THR B 253 -0.33 6.90 -15.65
N VAL B 254 0.92 7.26 -15.91
CA VAL B 254 1.69 8.08 -14.99
C VAL B 254 2.42 9.18 -15.75
N ALA B 255 2.61 10.33 -15.09
CA ALA B 255 3.53 11.33 -15.66
C ALA B 255 4.97 10.79 -15.49
N ALA B 256 5.47 10.13 -16.54
CA ALA B 256 6.62 9.22 -16.42
C ALA B 256 7.87 9.83 -17.08
N PRO B 257 8.97 10.04 -16.31
CA PRO B 257 10.24 10.54 -16.89
C PRO B 257 10.75 9.56 -17.95
N ARG B 258 11.28 10.10 -19.04
CA ARG B 258 11.70 9.29 -20.21
C ARG B 258 13.09 9.74 -20.62
N THR B 259 13.75 8.92 -21.43
CA THR B 259 14.98 9.37 -22.07
C THR B 259 14.69 9.97 -23.46
N TRP B 260 15.60 10.81 -23.92
CA TRP B 260 15.49 11.33 -25.28
C TRP B 260 15.37 10.21 -26.34
N ALA B 261 16.14 9.14 -26.18
CA ALA B 261 16.12 8.02 -27.13
C ALA B 261 14.76 7.33 -27.13
N GLU B 262 14.12 7.25 -25.96
CA GLU B 262 12.77 6.70 -25.88
C GLU B 262 11.77 7.49 -26.72
N LEU B 263 11.95 8.81 -26.78
CA LEU B 263 11.05 9.68 -27.55
C LEU B 263 11.23 9.48 -29.06
N ASP B 264 12.40 9.00 -29.46
CA ASP B 264 12.74 8.71 -30.88
C ASP B 264 11.86 7.61 -31.46
N ASP B 265 11.44 6.69 -30.59
CA ASP B 265 10.71 5.49 -30.95
C ASP B 265 9.37 5.84 -31.57
N PRO B 266 9.14 5.36 -32.82
CA PRO B 266 7.82 5.56 -33.44
C PRO B 266 6.68 4.95 -32.62
N ALA B 267 7.01 3.95 -31.80
CA ALA B 267 6.06 3.24 -30.94
C ALA B 267 5.81 3.96 -29.60
N LEU B 268 6.41 5.14 -29.41
CA LEU B 268 6.31 5.90 -28.14
C LEU B 268 4.89 5.91 -27.60
N ARG B 269 4.74 5.59 -26.31
CA ARG B 269 3.43 5.55 -25.66
C ARG B 269 3.50 5.89 -24.17
N GLN B 270 2.33 6.12 -23.58
CA GLN B 270 2.25 6.46 -22.17
C GLN B 270 2.57 5.21 -21.36
N LEU B 271 3.17 5.39 -20.20
CA LEU B 271 3.50 4.26 -19.35
C LEU B 271 2.52 4.08 -18.19
N SER B 272 2.32 2.82 -17.80
CA SER B 272 1.46 2.48 -16.68
C SER B 272 2.26 2.50 -15.36
N TYR B 273 1.57 2.66 -14.23
CA TYR B 273 2.25 2.74 -12.93
C TYR B 273 3.18 1.54 -12.68
N ASP B 274 2.73 0.36 -13.08
CA ASP B 274 3.53 -0.84 -12.86
C ASP B 274 4.86 -0.78 -13.61
N GLU B 275 4.85 -0.18 -14.81
CA GLU B 275 6.05 0.02 -15.61
C GLU B 275 6.98 1.04 -14.97
N VAL B 276 6.39 2.10 -14.43
CA VAL B 276 7.17 3.17 -13.80
C VAL B 276 7.97 2.55 -12.64
N LEU B 277 7.32 1.67 -11.87
CA LEU B 277 8.01 1.04 -10.72
C LEU B 277 9.24 0.20 -11.14
N THR B 278 9.07 -0.62 -12.19
CA THR B 278 10.17 -1.48 -12.63
C THR B 278 11.28 -0.64 -13.24
N ARG B 279 10.92 0.42 -13.94
CA ARG B 279 11.93 1.36 -14.47
C ARG B 279 12.76 2.05 -13.35
N ILE B 280 12.10 2.42 -12.24
CA ILE B 280 12.81 3.05 -11.11
C ILE B 280 13.86 2.09 -10.55
N ALA B 281 13.47 0.83 -10.38
CA ALA B 281 14.41 -0.19 -9.91
C ALA B 281 15.64 -0.34 -10.84
N ARG B 282 15.39 -0.29 -12.15
CA ARG B 282 16.43 -0.47 -13.21
C ARG B 282 17.38 0.73 -13.33
N ASP B 283 16.82 1.92 -13.35
CA ASP B 283 17.56 3.13 -13.73
C ASP B 283 17.60 4.21 -12.65
N GLY B 284 16.88 4.02 -11.57
CA GLY B 284 16.62 5.10 -10.61
C GLY B 284 15.79 6.21 -11.24
N ASP B 285 15.96 7.43 -10.75
CA ASP B 285 15.16 8.57 -11.17
C ASP B 285 15.85 9.26 -12.37
N LEU B 286 15.19 9.25 -13.53
CA LEU B 286 15.77 9.93 -14.72
C LEU B 286 15.80 11.46 -14.52
N LEU B 287 15.01 11.93 -13.54
CA LEU B 287 14.94 13.37 -13.18
C LEU B 287 15.80 13.74 -11.97
N GLU B 288 16.71 12.86 -11.57
CA GLU B 288 17.55 13.06 -10.40
C GLU B 288 18.19 14.46 -10.35
N ARG B 289 18.61 14.97 -11.50
CA ARG B 289 19.27 16.26 -11.58
C ARG B 289 18.33 17.45 -11.76
N LEU B 290 17.01 17.20 -11.83
CA LEU B 290 16.07 18.30 -11.97
C LEU B 290 15.93 19.19 -10.73
N ASP B 291 16.01 18.61 -9.53
CA ASP B 291 15.76 19.37 -8.28
C ASP B 291 16.93 19.37 -7.28
#